data_5XZX
#
_entry.id   5XZX
#
_cell.length_a   47.970
_cell.length_b   60.220
_cell.length_c   85.020
_cell.angle_alpha   90.000
_cell.angle_beta   100.540
_cell.angle_gamma   90.000
#
_symmetry.space_group_name_H-M   'P 1 21 1'
#
loop_
_entity.id
_entity.type
_entity.pdbx_description
1 polymer 'Importin subunit alpha-3'
2 polymer 'Ran-binding protein 3'
#
loop_
_entity_poly.entity_id
_entity_poly.type
_entity_poly.pdbx_seq_one_letter_code
_entity_poly.pdbx_strand_id
1 'polypeptide(L)'
;NTSLEAIVQNASSDNQGIQLSAVQAARKLLSSDRNPPIDDLIKSGILPILVHCLERDDNPSLQFEAAWALTNIASGTSEQ
TQAVVQSNAVPLFLRLLHSPHQNVCEQAVWALGNIIGDGPQCRDYVISLGVVKPLLSFISPSIPITFLRNVTWVMVNLCR
HKDPPPPMETIQEILPALCVLIHHTDVNILVDTVWALSYLTDAGNEQIQMVIDSGIVPHLVPLLSHQEVKVQTAALRAVG
NIVTGTDEQTQVVLNCDALSHFPALLTHPKEKINKEAVWFLSNITAGNQQQVQAVIDANLVPMIIHLLDKGDFGTQKEAA
WAISNLTISGRKDQVAYLIQQNVIPPFCNLLTVKDAQVVQVVLDGLSNILKMAEDEAETIGNLIEECGGLEKIEQLQNHE
NEDIYKLAYEIIDQFF
;
A
2 'polypeptide(L)' GSSPEGGEDSDREDGNYCPPVKRERTSSLT B
#
# COMPACT_ATOMS: atom_id res chain seq x y z
N SER A 3 41.73 -12.19 -7.19
CA SER A 3 41.38 -10.80 -6.93
C SER A 3 40.39 -10.28 -7.97
N LEU A 4 40.07 -8.99 -7.89
CA LEU A 4 39.06 -8.40 -8.75
C LEU A 4 39.49 -8.44 -10.22
N GLU A 5 40.71 -7.99 -10.50
CA GLU A 5 41.18 -7.92 -11.88
C GLU A 5 41.24 -9.30 -12.53
N ALA A 6 41.58 -10.33 -11.75
CA ALA A 6 41.64 -11.68 -12.30
C ALA A 6 40.25 -12.20 -12.64
N ILE A 7 39.24 -11.84 -11.83
CA ILE A 7 37.88 -12.31 -12.09
C ILE A 7 37.34 -11.72 -13.38
N VAL A 8 37.55 -10.42 -13.60
CA VAL A 8 37.06 -9.80 -14.83
C VAL A 8 37.81 -10.29 -16.06
N GLN A 9 39.00 -10.85 -15.89
CA GLN A 9 39.76 -11.42 -16.99
C GLN A 9 39.36 -12.87 -17.26
N ASN A 10 39.27 -13.68 -16.19
CA ASN A 10 38.92 -15.09 -16.34
C ASN A 10 37.48 -15.28 -16.84
N ALA A 11 36.65 -14.24 -16.74
CA ALA A 11 35.27 -14.33 -17.21
C ALA A 11 35.15 -14.33 -18.72
N SER A 12 36.21 -13.98 -19.44
CA SER A 12 36.20 -13.93 -20.90
C SER A 12 36.80 -15.17 -21.54
N SER A 13 37.19 -16.17 -20.76
CA SER A 13 37.88 -17.33 -21.30
C SER A 13 36.97 -18.14 -22.22
N ASP A 14 37.59 -18.82 -23.19
CA ASP A 14 36.87 -19.76 -24.03
C ASP A 14 36.65 -21.10 -23.35
N ASN A 15 37.35 -21.36 -22.25
CA ASN A 15 37.19 -22.58 -21.49
C ASN A 15 36.07 -22.38 -20.47
N GLN A 16 35.02 -23.18 -20.57
CA GLN A 16 33.88 -23.03 -19.68
C GLN A 16 34.26 -23.27 -18.23
N GLY A 17 35.29 -24.07 -17.98
CA GLY A 17 35.67 -24.37 -16.61
C GLY A 17 36.16 -23.15 -15.86
N ILE A 18 37.08 -22.39 -16.45
CA ILE A 18 37.60 -21.20 -15.79
C ILE A 18 36.55 -20.09 -15.78
N GLN A 19 35.76 -20.00 -16.86
CA GLN A 19 34.76 -18.94 -16.95
C GLN A 19 33.70 -19.07 -15.87
N LEU A 20 33.13 -20.28 -15.73
CA LEU A 20 32.06 -20.48 -14.74
C LEU A 20 32.57 -20.24 -13.33
N SER A 21 33.73 -20.80 -12.99
CA SER A 21 34.30 -20.62 -11.67
C SER A 21 34.72 -19.18 -11.39
N ALA A 22 34.73 -18.31 -12.41
CA ALA A 22 35.02 -16.91 -12.21
C ALA A 22 33.77 -16.09 -11.95
N VAL A 23 32.65 -16.43 -12.60
CA VAL A 23 31.39 -15.74 -12.32
C VAL A 23 30.83 -16.19 -10.97
N GLN A 24 31.06 -17.45 -10.59
CA GLN A 24 30.71 -17.90 -9.25
C GLN A 24 31.41 -17.07 -8.19
N ALA A 25 32.65 -16.64 -8.47
CA ALA A 25 33.35 -15.76 -7.55
C ALA A 25 32.79 -14.34 -7.59
N ALA A 26 32.27 -13.92 -8.75
CA ALA A 26 31.69 -12.58 -8.85
C ALA A 26 30.35 -12.51 -8.13
N ARG A 27 29.66 -13.65 -7.99
CA ARG A 27 28.39 -13.66 -7.27
C ARG A 27 28.60 -13.64 -5.77
N LYS A 28 29.57 -14.41 -5.27
CA LYS A 28 29.80 -14.46 -3.83
C LYS A 28 30.21 -13.11 -3.28
N LEU A 29 31.08 -12.39 -4.01
CA LEU A 29 31.47 -11.05 -3.60
C LEU A 29 30.30 -10.08 -3.58
N LEU A 30 29.17 -10.44 -4.19
CA LEU A 30 27.95 -9.66 -4.11
C LEU A 30 26.94 -10.27 -3.13
N SER A 31 27.19 -11.47 -2.63
CA SER A 31 26.30 -12.16 -1.70
C SER A 31 27.10 -12.71 -0.53
N SER A 32 27.95 -11.87 0.05
CA SER A 32 28.74 -12.25 1.22
C SER A 32 28.42 -11.40 2.44
N ASP A 33 27.56 -10.41 2.31
CA ASP A 33 27.18 -9.58 3.46
C ASP A 33 25.85 -8.89 3.14
N ARG A 34 25.69 -7.66 3.63
CA ARG A 34 24.57 -6.81 3.28
C ARG A 34 24.99 -5.49 2.69
N ASN A 35 26.28 -5.18 2.64
CA ASN A 35 26.82 -3.99 1.98
C ASN A 35 27.96 -4.43 1.07
N PRO A 36 27.63 -5.03 -0.08
CA PRO A 36 28.67 -5.59 -0.95
C PRO A 36 29.44 -4.50 -1.66
N PRO A 37 30.62 -4.83 -2.22
CA PRO A 37 31.37 -3.84 -3.04
C PRO A 37 30.81 -3.75 -4.46
N ILE A 38 29.59 -3.19 -4.57
CA ILE A 38 28.93 -3.12 -5.87
C ILE A 38 29.54 -2.02 -6.72
N ASP A 39 29.91 -0.90 -6.13
CA ASP A 39 30.49 0.20 -6.89
C ASP A 39 31.79 -0.23 -7.56
N ASP A 40 32.70 -0.83 -6.80
CA ASP A 40 33.95 -1.32 -7.37
C ASP A 40 33.71 -2.44 -8.40
N LEU A 41 32.58 -3.14 -8.30
CA LEU A 41 32.29 -4.18 -9.28
C LEU A 41 31.84 -3.58 -10.61
N ILE A 42 31.03 -2.51 -10.56
CA ILE A 42 30.58 -1.86 -11.78
C ILE A 42 31.76 -1.23 -12.50
N LYS A 43 32.63 -0.52 -11.76
CA LYS A 43 33.80 0.09 -12.36
C LYS A 43 34.81 -0.94 -12.85
N SER A 44 34.68 -2.20 -12.42
CA SER A 44 35.59 -3.26 -12.83
C SER A 44 35.29 -3.79 -14.24
N GLY A 45 34.27 -3.26 -14.91
CA GLY A 45 33.97 -3.69 -16.26
C GLY A 45 33.36 -5.07 -16.36
N ILE A 46 32.86 -5.62 -15.24
CA ILE A 46 32.31 -6.97 -15.27
C ILE A 46 30.93 -7.02 -15.92
N LEU A 47 30.27 -5.86 -16.06
CA LEU A 47 28.87 -5.87 -16.51
C LEU A 47 28.69 -6.45 -17.90
N PRO A 48 29.41 -5.99 -18.95
CA PRO A 48 29.15 -6.57 -20.28
C PRO A 48 29.49 -8.04 -20.38
N ILE A 49 30.41 -8.53 -19.56
CA ILE A 49 30.70 -9.96 -19.55
C ILE A 49 29.56 -10.73 -18.91
N LEU A 50 29.00 -10.21 -17.81
CA LEU A 50 27.83 -10.82 -17.21
C LEU A 50 26.63 -10.78 -18.15
N VAL A 51 26.53 -9.74 -18.97
CA VAL A 51 25.41 -9.63 -19.91
C VAL A 51 25.54 -10.70 -20.99
N HIS A 52 26.73 -10.84 -21.58
CA HIS A 52 26.92 -11.81 -22.65
C HIS A 52 26.75 -13.24 -22.14
N CYS A 53 27.08 -13.48 -20.87
CA CYS A 53 26.92 -14.82 -20.32
C CYS A 53 25.46 -15.28 -20.37
N LEU A 54 24.53 -14.33 -20.39
CA LEU A 54 23.11 -14.68 -20.45
C LEU A 54 22.73 -15.35 -21.76
N GLU A 55 23.56 -15.25 -22.80
CA GLU A 55 23.24 -15.79 -24.12
C GLU A 55 23.68 -17.22 -24.32
N ARG A 56 24.38 -17.81 -23.35
CA ARG A 56 24.98 -19.15 -23.49
C ARG A 56 23.94 -20.22 -23.17
N ASP A 57 23.03 -20.42 -24.13
CA ASP A 57 22.03 -21.49 -24.01
C ASP A 57 22.69 -22.85 -23.85
N ASP A 58 23.92 -23.00 -24.32
CA ASP A 58 24.63 -24.27 -24.16
C ASP A 58 25.10 -24.50 -22.73
N ASN A 59 25.23 -23.43 -21.93
CA ASN A 59 25.71 -23.52 -20.55
C ASN A 59 24.67 -22.90 -19.64
N PRO A 60 23.77 -23.70 -19.08
CA PRO A 60 22.76 -23.13 -18.18
C PRO A 60 23.35 -22.64 -16.86
N SER A 61 24.31 -23.39 -16.30
CA SER A 61 24.90 -22.99 -15.02
C SER A 61 25.61 -21.65 -15.11
N LEU A 62 26.08 -21.28 -16.32
CA LEU A 62 26.65 -19.96 -16.49
C LEU A 62 25.56 -18.89 -16.53
N GLN A 63 24.40 -19.21 -17.11
CA GLN A 63 23.29 -18.28 -17.13
C GLN A 63 22.75 -18.01 -15.72
N PHE A 64 22.67 -19.05 -14.90
CA PHE A 64 22.17 -18.89 -13.53
C PHE A 64 23.07 -17.96 -12.73
N GLU A 65 24.37 -18.25 -12.70
CA GLU A 65 25.30 -17.42 -11.93
C GLU A 65 25.39 -16.01 -12.48
N ALA A 66 25.17 -15.83 -13.78
CA ALA A 66 25.27 -14.51 -14.38
C ALA A 66 24.09 -13.63 -13.99
N ALA A 67 22.88 -14.18 -14.06
CA ALA A 67 21.69 -13.40 -13.69
C ALA A 67 21.67 -13.11 -12.20
N TRP A 68 22.13 -14.06 -11.37
CA TRP A 68 22.24 -13.82 -9.94
C TRP A 68 23.13 -12.61 -9.65
N ALA A 69 24.30 -12.56 -10.29
CA ALA A 69 25.19 -11.43 -10.10
C ALA A 69 24.53 -10.13 -10.55
N LEU A 70 23.87 -10.14 -11.71
CA LEU A 70 23.22 -8.94 -12.21
C LEU A 70 22.02 -8.57 -11.36
N THR A 71 21.30 -9.56 -10.81
CA THR A 71 20.16 -9.27 -9.94
C THR A 71 20.59 -8.46 -8.72
N ASN A 72 21.66 -8.89 -8.05
CA ASN A 72 22.10 -8.20 -6.84
C ASN A 72 22.64 -6.81 -7.14
N ILE A 73 23.24 -6.60 -8.32
CA ILE A 73 23.65 -5.25 -8.68
C ILE A 73 22.43 -4.36 -8.88
N ALA A 74 21.36 -4.91 -9.45
CA ALA A 74 20.12 -4.17 -9.61
C ALA A 74 19.43 -3.91 -8.28
N SER A 75 19.73 -4.71 -7.26
CA SER A 75 19.11 -4.54 -5.95
C SER A 75 19.67 -3.35 -5.19
N GLY A 76 20.68 -2.67 -5.72
CA GLY A 76 21.29 -1.53 -5.06
C GLY A 76 20.56 -0.24 -5.35
N THR A 77 21.31 0.86 -5.31
CA THR A 77 20.74 2.18 -5.55
C THR A 77 20.27 2.30 -7.00
N SER A 78 19.58 3.41 -7.27
CA SER A 78 19.10 3.65 -8.63
C SER A 78 20.28 3.77 -9.60
N GLU A 79 21.35 4.46 -9.20
CA GLU A 79 22.54 4.53 -10.02
C GLU A 79 23.15 3.15 -10.24
N GLN A 80 23.06 2.27 -9.23
CA GLN A 80 23.55 0.91 -9.40
C GLN A 80 22.63 0.09 -10.28
N THR A 81 21.31 0.31 -10.16
CA THR A 81 20.35 -0.44 -10.97
C THR A 81 20.32 0.06 -12.41
N GLN A 82 20.52 1.35 -12.63
CA GLN A 82 20.53 1.89 -13.98
C GLN A 82 21.63 1.24 -14.83
N ALA A 83 22.78 0.95 -14.21
CA ALA A 83 23.89 0.37 -14.95
C ALA A 83 23.54 -0.99 -15.54
N VAL A 84 22.79 -1.80 -14.80
CA VAL A 84 22.40 -3.12 -15.29
C VAL A 84 21.44 -2.97 -16.48
N VAL A 85 20.54 -1.99 -16.42
CA VAL A 85 19.62 -1.76 -17.52
C VAL A 85 20.29 -0.96 -18.63
N GLN A 86 21.35 -0.24 -18.33
CA GLN A 86 22.09 0.51 -19.34
C GLN A 86 23.09 -0.36 -20.09
N SER A 87 23.34 -1.58 -19.62
CA SER A 87 24.20 -2.54 -20.32
C SER A 87 23.39 -3.51 -21.18
N ASN A 88 22.17 -3.14 -21.56
CA ASN A 88 21.35 -3.89 -22.51
C ASN A 88 21.11 -5.32 -22.02
N ALA A 89 20.68 -5.44 -20.77
CA ALA A 89 20.45 -6.75 -20.16
C ALA A 89 18.98 -7.11 -20.03
N VAL A 90 18.08 -6.16 -20.24
CA VAL A 90 16.64 -6.38 -20.04
C VAL A 90 16.06 -7.32 -21.10
N PRO A 91 16.37 -7.16 -22.39
CA PRO A 91 15.83 -8.11 -23.38
C PRO A 91 16.37 -9.52 -23.20
N LEU A 92 17.60 -9.68 -22.73
CA LEU A 92 18.14 -11.02 -22.52
C LEU A 92 17.47 -11.70 -21.33
N PHE A 93 17.12 -10.94 -20.29
CA PHE A 93 16.35 -11.51 -19.18
C PHE A 93 15.01 -12.04 -19.67
N LEU A 94 14.29 -11.21 -20.44
CA LEU A 94 13.01 -11.63 -21.00
C LEU A 94 13.14 -12.87 -21.87
N ARG A 95 14.23 -12.97 -22.63
CA ARG A 95 14.47 -14.17 -23.42
C ARG A 95 14.66 -15.39 -22.53
N LEU A 96 15.25 -15.20 -21.34
CA LEU A 96 15.48 -16.29 -20.40
C LEU A 96 14.21 -16.75 -19.70
N LEU A 97 13.13 -15.96 -19.75
CA LEU A 97 11.86 -16.37 -19.14
C LEU A 97 11.31 -17.65 -19.77
N HIS A 98 11.82 -18.03 -20.94
CA HIS A 98 11.37 -19.23 -21.66
C HIS A 98 12.47 -20.29 -21.72
N SER A 99 13.45 -20.21 -20.82
CA SER A 99 14.52 -21.19 -20.79
C SER A 99 14.00 -22.52 -20.24
N PRO A 100 14.49 -23.65 -20.75
CA PRO A 100 14.00 -24.94 -20.25
C PRO A 100 14.62 -25.33 -18.91
N HIS A 101 15.28 -24.38 -18.25
CA HIS A 101 15.93 -24.63 -16.96
C HIS A 101 15.29 -23.71 -15.93
N GLN A 102 14.53 -24.31 -15.01
CA GLN A 102 13.74 -23.51 -14.06
C GLN A 102 14.63 -22.62 -13.20
N ASN A 103 15.86 -23.06 -12.90
CA ASN A 103 16.78 -22.22 -12.15
C ASN A 103 17.18 -20.97 -12.92
N VAL A 104 17.07 -20.98 -14.25
CA VAL A 104 17.34 -19.79 -15.05
C VAL A 104 16.11 -18.92 -15.21
N CYS A 105 14.93 -19.54 -15.36
CA CYS A 105 13.69 -18.78 -15.43
C CYS A 105 13.46 -17.98 -14.15
N GLU A 106 13.73 -18.60 -12.99
CA GLU A 106 13.47 -17.93 -11.72
C GLU A 106 14.42 -16.75 -11.51
N GLN A 107 15.71 -16.95 -11.76
CA GLN A 107 16.67 -15.87 -11.53
C GLN A 107 16.47 -14.72 -12.51
N ALA A 108 15.89 -14.99 -13.68
CA ALA A 108 15.55 -13.90 -14.59
C ALA A 108 14.36 -13.10 -14.07
N VAL A 109 13.37 -13.79 -13.49
CA VAL A 109 12.24 -13.10 -12.86
C VAL A 109 12.74 -12.22 -11.73
N TRP A 110 13.63 -12.75 -10.89
CA TRP A 110 14.18 -12.00 -9.76
C TRP A 110 14.87 -10.73 -10.24
N ALA A 111 15.63 -10.82 -11.33
CA ALA A 111 16.35 -9.65 -11.83
C ALA A 111 15.38 -8.58 -12.37
N LEU A 112 14.28 -9.01 -12.98
CA LEU A 112 13.35 -8.05 -13.57
C LEU A 112 12.61 -7.28 -12.49
N GLY A 113 12.27 -7.93 -11.38
CA GLY A 113 11.55 -7.25 -10.31
C GLY A 113 12.31 -6.06 -9.75
N ASN A 114 13.62 -6.23 -9.53
CA ASN A 114 14.44 -5.13 -9.04
C ASN A 114 14.52 -4.00 -10.07
N ILE A 115 14.56 -4.37 -11.35
CA ILE A 115 14.56 -3.36 -12.42
C ILE A 115 13.22 -2.64 -12.47
N ILE A 116 12.12 -3.39 -12.34
CA ILE A 116 10.80 -2.78 -12.36
C ILE A 116 10.60 -1.88 -11.15
N GLY A 117 11.17 -2.26 -10.00
CA GLY A 117 10.98 -1.50 -8.78
C GLY A 117 11.70 -0.17 -8.73
N ASP A 118 12.61 0.10 -9.67
CA ASP A 118 13.39 1.33 -9.58
C ASP A 118 12.56 2.55 -9.96
N GLY A 119 11.74 2.45 -11.01
CA GLY A 119 10.95 3.57 -11.44
C GLY A 119 9.83 3.18 -12.39
N PRO A 120 8.85 4.07 -12.54
CA PRO A 120 7.75 3.79 -13.48
C PRO A 120 8.22 3.77 -14.93
N GLN A 121 9.24 4.56 -15.27
CA GLN A 121 9.84 4.47 -16.60
C GLN A 121 10.38 3.08 -16.86
N CYS A 122 11.24 2.58 -15.96
CA CYS A 122 11.76 1.23 -16.08
C CYS A 122 10.65 0.18 -15.96
N ARG A 123 9.54 0.52 -15.31
CA ARG A 123 8.40 -0.39 -15.27
C ARG A 123 7.73 -0.49 -16.63
N ASP A 124 7.36 0.66 -17.21
CA ASP A 124 6.72 0.67 -18.52
C ASP A 124 7.64 0.14 -19.61
N TYR A 125 8.96 0.21 -19.41
CA TYR A 125 9.89 -0.33 -20.40
C TYR A 125 9.81 -1.85 -20.46
N VAL A 126 9.96 -2.52 -19.31
CA VAL A 126 9.89 -3.97 -19.28
C VAL A 126 8.48 -4.45 -19.62
N ILE A 127 7.47 -3.64 -19.34
CA ILE A 127 6.09 -4.00 -19.68
C ILE A 127 5.89 -3.96 -21.19
N SER A 128 6.34 -2.87 -21.83
CA SER A 128 6.15 -2.74 -23.28
C SER A 128 6.81 -3.88 -24.03
N LEU A 129 7.92 -4.42 -23.51
CA LEU A 129 8.55 -5.57 -24.14
C LEU A 129 7.76 -6.86 -23.94
N GLY A 130 6.89 -6.90 -22.94
CA GLY A 130 6.03 -8.05 -22.72
C GLY A 130 6.52 -8.97 -21.63
N VAL A 131 6.62 -8.46 -20.40
CA VAL A 131 7.00 -9.30 -19.27
C VAL A 131 5.80 -9.92 -18.57
N VAL A 132 4.62 -9.31 -18.69
CA VAL A 132 3.47 -9.78 -17.93
C VAL A 132 2.98 -11.14 -18.44
N LYS A 133 2.84 -11.27 -19.75
CA LYS A 133 2.30 -12.50 -20.32
C LYS A 133 3.13 -13.75 -19.98
N PRO A 134 4.48 -13.73 -20.08
CA PRO A 134 5.23 -14.92 -19.69
C PRO A 134 5.34 -15.10 -18.18
N LEU A 135 5.39 -13.99 -17.45
CA LEU A 135 5.48 -14.07 -15.99
C LEU A 135 4.27 -14.77 -15.40
N LEU A 136 3.07 -14.30 -15.73
CA LEU A 136 1.85 -14.92 -15.23
C LEU A 136 1.64 -16.33 -15.77
N SER A 137 2.40 -16.74 -16.78
CA SER A 137 2.35 -18.11 -17.25
C SER A 137 3.03 -19.08 -16.29
N PHE A 138 3.79 -18.57 -15.30
CA PHE A 138 4.44 -19.43 -14.33
C PHE A 138 3.48 -19.91 -13.26
N ILE A 139 2.43 -19.13 -12.96
CA ILE A 139 1.44 -19.50 -11.95
C ILE A 139 0.78 -20.81 -12.36
N SER A 140 1.12 -21.89 -11.67
CA SER A 140 0.63 -23.22 -12.02
C SER A 140 0.71 -24.09 -10.77
N PRO A 141 0.04 -25.25 -10.78
CA PRO A 141 0.20 -26.19 -9.65
C PRO A 141 1.64 -26.61 -9.42
N SER A 142 2.29 -27.13 -10.45
CA SER A 142 3.60 -27.77 -10.31
C SER A 142 4.74 -26.81 -10.01
N ILE A 143 4.48 -25.52 -9.87
CA ILE A 143 5.55 -24.57 -9.57
C ILE A 143 5.90 -24.67 -8.09
N PRO A 144 7.18 -24.58 -7.72
CA PRO A 144 7.52 -24.52 -6.29
C PRO A 144 7.00 -23.24 -5.65
N ILE A 145 6.95 -23.27 -4.32
CA ILE A 145 6.43 -22.11 -3.58
C ILE A 145 7.47 -20.99 -3.53
N THR A 146 8.75 -21.34 -3.41
CA THR A 146 9.80 -20.31 -3.39
C THR A 146 9.84 -19.55 -4.71
N PHE A 147 9.46 -20.20 -5.82
CA PHE A 147 9.36 -19.51 -7.09
C PHE A 147 8.15 -18.58 -7.11
N LEU A 148 6.99 -19.10 -6.73
CA LEU A 148 5.76 -18.31 -6.77
C LEU A 148 5.86 -17.05 -5.91
N ARG A 149 6.56 -17.14 -4.78
CA ARG A 149 6.77 -15.97 -3.94
C ARG A 149 7.52 -14.87 -4.70
N ASN A 150 8.50 -15.25 -5.53
CA ASN A 150 9.18 -14.26 -6.35
C ASN A 150 8.27 -13.73 -7.44
N VAL A 151 7.37 -14.56 -7.97
CA VAL A 151 6.47 -14.11 -9.03
C VAL A 151 5.48 -13.10 -8.48
N THR A 152 4.88 -13.40 -7.33
CA THR A 152 3.93 -12.47 -6.72
C THR A 152 4.60 -11.13 -6.37
N TRP A 153 5.86 -11.17 -5.98
CA TRP A 153 6.55 -9.94 -5.58
C TRP A 153 6.83 -9.05 -6.77
N VAL A 154 7.16 -9.63 -7.93
CA VAL A 154 7.28 -8.84 -9.15
C VAL A 154 5.92 -8.30 -9.56
N MET A 155 4.87 -9.09 -9.36
CA MET A 155 3.52 -8.61 -9.61
C MET A 155 3.13 -7.44 -8.71
N VAL A 156 3.83 -7.26 -7.58
CA VAL A 156 3.59 -6.10 -6.74
C VAL A 156 4.21 -4.86 -7.35
N ASN A 157 5.49 -4.95 -7.76
CA ASN A 157 6.15 -3.81 -8.38
C ASN A 157 5.52 -3.44 -9.72
N LEU A 158 4.95 -4.42 -10.42
CA LEU A 158 4.16 -4.11 -11.62
C LEU A 158 2.94 -3.24 -11.28
N CYS A 159 2.46 -3.28 -10.04
CA CYS A 159 1.40 -2.39 -9.57
C CYS A 159 1.87 -1.21 -8.72
N ARG A 160 3.15 -1.18 -8.34
CA ARG A 160 3.57 -0.35 -7.20
C ARG A 160 3.39 1.14 -7.41
N HIS A 161 3.73 1.66 -8.57
CA HIS A 161 3.78 3.10 -8.73
C HIS A 161 2.49 3.61 -9.38
N LYS A 162 2.07 4.80 -8.96
CA LYS A 162 0.84 5.40 -9.43
C LYS A 162 1.02 6.67 -10.26
N ASP A 163 2.22 7.24 -10.33
CA ASP A 163 2.43 8.48 -11.07
C ASP A 163 3.72 8.39 -11.88
N PRO A 164 3.62 7.99 -13.17
CA PRO A 164 2.37 7.61 -13.85
C PRO A 164 1.93 6.18 -13.51
N PRO A 165 0.62 5.93 -13.53
CA PRO A 165 0.12 4.60 -13.16
C PRO A 165 0.39 3.59 -14.26
N PRO A 166 0.36 2.30 -13.94
CA PRO A 166 0.59 1.30 -14.98
C PRO A 166 -0.53 1.32 -16.00
N PRO A 167 -0.27 0.88 -17.23
CA PRO A 167 -1.32 0.90 -18.26
C PRO A 167 -2.48 -0.01 -17.89
N MET A 168 -3.63 0.25 -18.53
CA MET A 168 -4.81 -0.57 -18.29
C MET A 168 -4.61 -1.98 -18.85
N GLU A 169 -3.94 -2.10 -19.99
CA GLU A 169 -3.69 -3.41 -20.59
C GLU A 169 -3.00 -4.34 -19.60
N THR A 170 -2.05 -3.82 -18.82
CA THR A 170 -1.35 -4.64 -17.84
C THR A 170 -2.20 -4.89 -16.60
N ILE A 171 -2.94 -3.88 -16.15
CA ILE A 171 -3.81 -4.06 -14.99
C ILE A 171 -4.90 -5.08 -15.31
N GLN A 172 -5.48 -5.01 -16.51
CA GLN A 172 -6.49 -5.96 -16.91
C GLN A 172 -5.95 -7.39 -17.01
N GLU A 173 -4.64 -7.54 -17.21
CA GLU A 173 -4.02 -8.86 -17.26
C GLU A 173 -3.63 -9.40 -15.89
N ILE A 174 -3.41 -8.52 -14.92
CA ILE A 174 -2.91 -8.95 -13.61
C ILE A 174 -4.06 -9.43 -12.74
N LEU A 175 -5.17 -8.69 -12.72
CA LEU A 175 -6.29 -9.01 -11.84
C LEU A 175 -6.81 -10.44 -11.96
N PRO A 176 -6.98 -11.02 -13.16
CA PRO A 176 -7.37 -12.43 -13.22
C PRO A 176 -6.36 -13.39 -12.62
N ALA A 177 -5.12 -12.94 -12.37
CA ALA A 177 -4.14 -13.75 -11.67
C ALA A 177 -4.22 -13.55 -10.16
N LEU A 178 -4.48 -12.32 -9.71
CA LEU A 178 -4.74 -12.08 -8.30
C LEU A 178 -5.97 -12.84 -7.83
N CYS A 179 -7.00 -12.92 -8.68
CA CYS A 179 -8.17 -13.72 -8.37
C CYS A 179 -7.82 -15.19 -8.18
N VAL A 180 -6.67 -15.62 -8.68
CA VAL A 180 -6.23 -17.00 -8.51
C VAL A 180 -5.27 -17.08 -7.34
N LEU A 181 -4.45 -16.05 -7.16
CA LEU A 181 -3.48 -16.05 -6.07
C LEU A 181 -4.09 -15.66 -4.73
N ILE A 182 -5.27 -15.05 -4.72
CA ILE A 182 -5.90 -14.65 -3.46
C ILE A 182 -6.41 -15.85 -2.68
N HIS A 183 -6.51 -17.02 -3.30
CA HIS A 183 -6.96 -18.24 -2.64
C HIS A 183 -5.80 -19.15 -2.23
N HIS A 184 -4.56 -18.65 -2.27
CA HIS A 184 -3.42 -19.47 -1.89
C HIS A 184 -3.36 -19.61 -0.37
N THR A 185 -2.69 -20.68 0.08
CA THR A 185 -2.57 -20.94 1.50
C THR A 185 -1.29 -20.35 2.10
N ASP A 186 -0.25 -20.14 1.30
CA ASP A 186 1.00 -19.62 1.83
C ASP A 186 0.81 -18.21 2.36
N VAL A 187 1.53 -17.90 3.44
CA VAL A 187 1.35 -16.62 4.11
C VAL A 187 1.91 -15.49 3.26
N ASN A 188 3.14 -15.64 2.78
CA ASN A 188 3.80 -14.55 2.05
C ASN A 188 3.12 -14.26 0.71
N ILE A 189 2.59 -15.28 0.04
CA ILE A 189 1.93 -15.07 -1.24
C ILE A 189 0.65 -14.26 -1.05
N LEU A 190 -0.15 -14.61 -0.04
CA LEU A 190 -1.40 -13.89 0.21
C LEU A 190 -1.14 -12.43 0.56
N VAL A 191 -0.10 -12.18 1.38
CA VAL A 191 0.23 -10.81 1.75
C VAL A 191 0.58 -9.99 0.51
N ASP A 192 1.46 -10.53 -0.34
CA ASP A 192 1.82 -9.85 -1.57
C ASP A 192 0.63 -9.72 -2.51
N THR A 193 -0.27 -10.71 -2.52
CA THR A 193 -1.43 -10.66 -3.39
C THR A 193 -2.38 -9.54 -3.00
N VAL A 194 -2.42 -9.18 -1.71
CA VAL A 194 -3.31 -8.13 -1.25
C VAL A 194 -2.66 -6.77 -1.34
N TRP A 195 -1.35 -6.68 -1.09
CA TRP A 195 -0.66 -5.40 -1.21
C TRP A 195 -0.69 -4.89 -2.65
N ALA A 196 -0.63 -5.79 -3.62
CA ALA A 196 -0.78 -5.38 -5.02
C ALA A 196 -2.15 -4.76 -5.24
N LEU A 197 -3.19 -5.34 -4.62
CA LEU A 197 -4.51 -4.74 -4.68
C LEU A 197 -4.53 -3.37 -4.02
N SER A 198 -3.72 -3.18 -2.97
CA SER A 198 -3.68 -1.88 -2.31
C SER A 198 -3.18 -0.78 -3.25
N TYR A 199 -2.15 -1.09 -4.04
CA TYR A 199 -1.61 -0.10 -4.96
C TYR A 199 -2.54 0.13 -6.14
N LEU A 200 -3.19 -0.94 -6.62
CA LEU A 200 -4.16 -0.79 -7.70
C LEU A 200 -5.36 0.04 -7.26
N THR A 201 -5.76 -0.08 -6.00
CA THR A 201 -6.82 0.75 -5.45
C THR A 201 -6.32 2.13 -5.04
N ASP A 202 -5.00 2.33 -4.97
CA ASP A 202 -4.43 3.63 -4.64
C ASP A 202 -4.23 4.50 -5.88
N ALA A 203 -4.22 3.92 -7.07
CA ALA A 203 -4.00 4.67 -8.30
C ALA A 203 -5.09 5.71 -8.51
N GLY A 204 -6.33 5.27 -8.73
CA GLY A 204 -7.43 6.20 -8.93
C GLY A 204 -8.73 5.44 -9.08
N ASN A 205 -9.81 6.22 -9.25
CA ASN A 205 -11.13 5.64 -9.34
C ASN A 205 -11.29 4.79 -10.60
N GLU A 206 -10.55 5.12 -11.67
CA GLU A 206 -10.64 4.33 -12.89
C GLU A 206 -10.09 2.91 -12.67
N GLN A 207 -9.05 2.77 -11.85
CA GLN A 207 -8.50 1.45 -11.58
C GLN A 207 -9.25 0.73 -10.46
N ILE A 208 -9.87 1.49 -9.55
CA ILE A 208 -10.67 0.87 -8.50
C ILE A 208 -11.83 0.08 -9.10
N GLN A 209 -12.45 0.64 -10.15
CA GLN A 209 -13.53 -0.08 -10.83
C GLN A 209 -13.03 -1.33 -11.53
N MET A 210 -11.80 -1.30 -12.05
CA MET A 210 -11.20 -2.51 -12.61
C MET A 210 -11.09 -3.59 -11.54
N VAL A 211 -10.71 -3.21 -10.32
CA VAL A 211 -10.74 -4.15 -9.21
C VAL A 211 -12.15 -4.63 -8.95
N ILE A 212 -13.12 -3.72 -8.99
CA ILE A 212 -14.52 -4.10 -8.77
C ILE A 212 -15.01 -4.98 -9.90
N ASP A 213 -14.79 -4.57 -11.15
CA ASP A 213 -15.27 -5.34 -12.29
C ASP A 213 -14.61 -6.71 -12.37
N SER A 214 -13.41 -6.85 -11.82
CA SER A 214 -12.76 -8.16 -11.77
C SER A 214 -13.48 -9.11 -10.83
N GLY A 215 -14.29 -8.60 -9.91
CA GLY A 215 -15.01 -9.44 -8.97
C GLY A 215 -14.18 -9.99 -7.85
N ILE A 216 -13.09 -9.30 -7.48
CA ILE A 216 -12.21 -9.79 -6.42
C ILE A 216 -12.55 -9.22 -5.05
N VAL A 217 -13.39 -8.17 -4.99
CA VAL A 217 -13.73 -7.56 -3.70
C VAL A 217 -14.44 -8.55 -2.78
N PRO A 218 -15.39 -9.37 -3.24
CA PRO A 218 -15.99 -10.36 -2.33
C PRO A 218 -14.98 -11.31 -1.70
N HIS A 219 -13.80 -11.48 -2.30
CA HIS A 219 -12.74 -12.27 -1.71
C HIS A 219 -11.74 -11.42 -0.93
N LEU A 220 -11.85 -10.09 -1.01
CA LEU A 220 -10.95 -9.18 -0.31
C LEU A 220 -11.48 -8.77 1.05
N VAL A 221 -12.80 -8.59 1.17
CA VAL A 221 -13.39 -8.15 2.43
C VAL A 221 -13.21 -9.17 3.55
N PRO A 222 -13.49 -10.46 3.36
CA PRO A 222 -13.30 -11.43 4.45
C PRO A 222 -11.88 -11.46 5.00
N LEU A 223 -10.90 -11.02 4.22
CA LEU A 223 -9.52 -10.95 4.72
C LEU A 223 -9.35 -9.89 5.79
N LEU A 224 -10.38 -9.09 6.08
CA LEU A 224 -10.32 -8.20 7.23
C LEU A 224 -10.34 -8.97 8.55
N SER A 225 -10.71 -10.25 8.52
CA SER A 225 -10.74 -11.08 9.72
C SER A 225 -9.83 -12.30 9.58
N HIS A 226 -8.83 -12.23 8.70
CA HIS A 226 -7.88 -13.32 8.58
C HIS A 226 -7.06 -13.48 9.86
N GLN A 227 -6.55 -14.68 10.07
CA GLN A 227 -5.80 -14.95 11.30
C GLN A 227 -4.51 -14.14 11.37
N GLU A 228 -3.89 -13.87 10.24
CA GLU A 228 -2.61 -13.16 10.20
C GLU A 228 -2.86 -11.66 10.13
N VAL A 229 -2.26 -10.92 11.06
CA VAL A 229 -2.39 -9.46 11.07
C VAL A 229 -1.76 -8.86 9.83
N LYS A 230 -0.71 -9.49 9.30
CA LYS A 230 -0.09 -9.02 8.06
C LYS A 230 -1.09 -9.00 6.92
N VAL A 231 -2.04 -9.93 6.91
CA VAL A 231 -3.02 -9.99 5.82
C VAL A 231 -4.09 -8.93 5.99
N GLN A 232 -4.58 -8.73 7.22
CA GLN A 232 -5.59 -7.71 7.45
C GLN A 232 -5.05 -6.32 7.16
N THR A 233 -3.81 -6.05 7.59
CA THR A 233 -3.22 -4.72 7.40
C THR A 233 -3.20 -4.32 5.94
N ALA A 234 -2.87 -5.25 5.05
CA ALA A 234 -2.96 -4.97 3.62
C ALA A 234 -4.41 -4.89 3.17
N ALA A 235 -5.25 -5.82 3.65
CA ALA A 235 -6.66 -5.80 3.27
C ALA A 235 -7.34 -4.54 3.78
N LEU A 236 -7.07 -4.16 5.02
CA LEU A 236 -7.62 -2.92 5.56
C LEU A 236 -7.20 -1.72 4.73
N ARG A 237 -5.97 -1.75 4.19
CA ARG A 237 -5.52 -0.70 3.29
C ARG A 237 -6.15 -0.84 1.90
N ALA A 238 -6.23 -2.06 1.39
CA ALA A 238 -6.79 -2.29 0.06
C ALA A 238 -8.26 -1.84 0.01
N VAL A 239 -9.09 -2.41 0.89
CA VAL A 239 -10.49 -1.99 0.95
C VAL A 239 -10.61 -0.54 1.39
N GLY A 240 -9.65 -0.06 2.18
CA GLY A 240 -9.70 1.32 2.64
C GLY A 240 -9.58 2.34 1.51
N ASN A 241 -8.89 1.96 0.44
CA ASN A 241 -8.75 2.86 -0.70
C ASN A 241 -9.97 2.81 -1.62
N ILE A 242 -10.66 1.66 -1.69
CA ILE A 242 -11.81 1.53 -2.56
C ILE A 242 -12.93 2.49 -2.15
N VAL A 243 -13.06 2.75 -0.85
CA VAL A 243 -14.16 3.56 -0.33
C VAL A 243 -13.81 5.04 -0.39
N THR A 244 -12.80 5.38 -1.17
CA THR A 244 -12.41 6.77 -1.36
C THR A 244 -12.93 7.36 -2.68
N GLY A 245 -13.58 6.55 -3.51
CA GLY A 245 -14.09 7.03 -4.78
C GLY A 245 -15.56 7.42 -4.73
N THR A 246 -16.34 6.93 -5.69
CA THR A 246 -17.74 7.28 -5.75
C THR A 246 -18.55 6.49 -4.72
N ASP A 247 -19.70 7.04 -4.36
CA ASP A 247 -20.59 6.36 -3.42
C ASP A 247 -21.06 5.01 -3.97
N GLU A 248 -21.24 4.92 -5.29
CA GLU A 248 -21.67 3.66 -5.90
C GLU A 248 -20.57 2.60 -5.83
N GLN A 249 -19.31 3.01 -5.69
CA GLN A 249 -18.22 2.06 -5.50
C GLN A 249 -18.02 1.69 -4.04
N THR A 250 -18.27 2.62 -3.12
CA THR A 250 -18.20 2.31 -1.70
C THR A 250 -19.28 1.32 -1.29
N GLN A 251 -20.45 1.37 -1.94
CA GLN A 251 -21.53 0.46 -1.58
C GLN A 251 -21.18 -0.99 -1.89
N VAL A 252 -20.38 -1.23 -2.94
CA VAL A 252 -19.96 -2.59 -3.24
C VAL A 252 -19.16 -3.17 -2.09
N VAL A 253 -18.38 -2.32 -1.41
CA VAL A 253 -17.67 -2.77 -0.22
C VAL A 253 -18.65 -3.12 0.89
N LEU A 254 -19.61 -2.23 1.15
CA LEU A 254 -20.58 -2.47 2.21
C LEU A 254 -21.51 -3.63 1.88
N ASN A 255 -21.76 -3.87 0.59
CA ASN A 255 -22.58 -5.00 0.17
C ASN A 255 -21.91 -6.34 0.44
N CYS A 256 -20.62 -6.34 0.78
CA CYS A 256 -19.91 -7.55 1.18
C CYS A 256 -19.81 -7.67 2.70
N ASP A 257 -20.68 -6.98 3.44
CA ASP A 257 -20.72 -7.04 4.90
C ASP A 257 -19.37 -6.64 5.50
N ALA A 258 -18.83 -5.52 5.01
CA ALA A 258 -17.52 -5.08 5.47
C ALA A 258 -17.55 -4.63 6.92
N LEU A 259 -18.65 -4.00 7.35
CA LEU A 259 -18.70 -3.43 8.68
C LEU A 259 -18.67 -4.49 9.78
N SER A 260 -19.12 -5.71 9.47
CA SER A 260 -19.15 -6.78 10.46
C SER A 260 -17.77 -7.30 10.83
N HIS A 261 -16.70 -6.71 10.30
CA HIS A 261 -15.34 -7.10 10.62
C HIS A 261 -14.61 -6.08 11.48
N PHE A 262 -15.27 -4.99 11.85
CA PHE A 262 -14.61 -3.86 12.50
C PHE A 262 -14.63 -3.88 14.03
N PRO A 263 -15.64 -4.47 14.69
CA PRO A 263 -15.52 -4.65 16.15
C PRO A 263 -14.24 -5.33 16.58
N ALA A 264 -13.67 -6.20 15.75
CA ALA A 264 -12.38 -6.80 16.04
C ALA A 264 -11.21 -5.91 15.66
N LEU A 265 -11.47 -4.80 14.96
CA LEU A 265 -10.43 -3.86 14.54
C LEU A 265 -10.42 -2.58 15.37
N LEU A 266 -11.60 -2.07 15.74
CA LEU A 266 -11.66 -0.88 16.57
C LEU A 266 -11.20 -1.15 18.00
N THR A 267 -11.19 -2.41 18.42
CA THR A 267 -10.70 -2.79 19.73
C THR A 267 -9.37 -3.53 19.67
N HIS A 268 -8.74 -3.58 18.50
CA HIS A 268 -7.46 -4.27 18.35
C HIS A 268 -6.40 -3.57 19.21
N PRO A 269 -5.49 -4.33 19.83
CA PRO A 269 -4.47 -3.70 20.66
C PRO A 269 -3.51 -2.81 19.89
N LYS A 270 -3.25 -3.12 18.61
CA LYS A 270 -2.30 -2.37 17.82
C LYS A 270 -2.95 -1.07 17.34
N GLU A 271 -2.32 0.06 17.67
CA GLU A 271 -2.90 1.36 17.36
C GLU A 271 -2.85 1.66 15.87
N LYS A 272 -1.89 1.07 15.13
CA LYS A 272 -1.84 1.27 13.69
C LYS A 272 -3.09 0.70 13.03
N ILE A 273 -3.55 -0.45 13.50
CA ILE A 273 -4.80 -1.01 12.99
C ILE A 273 -5.98 -0.13 13.38
N ASN A 274 -6.00 0.34 14.63
CA ASN A 274 -7.06 1.24 15.08
C ASN A 274 -7.13 2.47 14.19
N LYS A 275 -5.98 3.12 13.94
CA LYS A 275 -5.95 4.27 13.07
C LYS A 275 -6.42 3.91 11.66
N GLU A 276 -5.91 2.79 11.13
CA GLU A 276 -6.33 2.36 9.80
C GLU A 276 -7.79 1.93 9.76
N ALA A 277 -8.34 1.51 10.91
CA ALA A 277 -9.74 1.10 10.95
C ALA A 277 -10.68 2.30 10.92
N VAL A 278 -10.44 3.29 11.80
CA VAL A 278 -11.30 4.47 11.82
C VAL A 278 -11.16 5.26 10.54
N TRP A 279 -9.98 5.25 9.92
CA TRP A 279 -9.79 5.92 8.64
C TRP A 279 -10.72 5.35 7.58
N PHE A 280 -10.96 4.04 7.62
CA PHE A 280 -11.95 3.43 6.74
C PHE A 280 -13.34 3.99 7.02
N LEU A 281 -13.75 3.98 8.30
CA LEU A 281 -15.08 4.44 8.66
C LEU A 281 -15.26 5.92 8.37
N SER A 282 -14.18 6.69 8.35
CA SER A 282 -14.27 8.11 8.04
C SER A 282 -14.82 8.34 6.64
N ASN A 283 -14.28 7.62 5.66
CA ASN A 283 -14.78 7.73 4.29
C ASN A 283 -16.21 7.22 4.17
N ILE A 284 -16.58 6.24 4.99
CA ILE A 284 -17.95 5.75 4.96
C ILE A 284 -18.91 6.83 5.44
N THR A 285 -18.51 7.59 6.47
CA THR A 285 -19.32 8.70 6.95
C THR A 285 -19.35 9.88 5.98
N ALA A 286 -18.65 9.80 4.85
CA ALA A 286 -18.69 10.86 3.85
C ALA A 286 -19.72 10.61 2.76
N GLY A 287 -20.23 9.39 2.63
CA GLY A 287 -21.21 9.06 1.62
C GLY A 287 -22.59 9.57 1.96
N ASN A 288 -23.58 8.96 1.32
CA ASN A 288 -24.97 9.35 1.54
C ASN A 288 -25.44 8.89 2.91
N GLN A 289 -26.70 9.23 3.23
CA GLN A 289 -27.22 8.95 4.56
C GLN A 289 -27.42 7.46 4.78
N GLN A 290 -27.76 6.70 3.74
CA GLN A 290 -27.94 5.26 3.89
C GLN A 290 -26.64 4.58 4.33
N GLN A 291 -25.52 4.99 3.75
CA GLN A 291 -24.23 4.44 4.18
C GLN A 291 -23.86 4.95 5.57
N VAL A 292 -24.20 6.19 5.88
CA VAL A 292 -23.98 6.72 7.23
C VAL A 292 -24.80 5.93 8.24
N GLN A 293 -26.04 5.59 7.88
CA GLN A 293 -26.87 4.79 8.77
C GLN A 293 -26.30 3.39 8.96
N ALA A 294 -25.55 2.88 7.97
CA ALA A 294 -24.93 1.57 8.12
C ALA A 294 -23.88 1.56 9.22
N VAL A 295 -23.16 2.68 9.39
CA VAL A 295 -22.25 2.80 10.52
C VAL A 295 -23.03 2.83 11.83
N ILE A 296 -24.28 3.28 11.79
CA ILE A 296 -25.10 3.34 12.99
C ILE A 296 -25.74 1.99 13.28
N ASP A 297 -26.18 1.28 12.24
CA ASP A 297 -26.79 -0.04 12.40
C ASP A 297 -25.77 -1.14 12.67
N ALA A 298 -24.50 -0.78 12.88
CA ALA A 298 -23.45 -1.74 13.22
C ALA A 298 -22.89 -1.53 14.62
N ASN A 299 -23.42 -0.56 15.38
CA ASN A 299 -22.96 -0.27 16.73
C ASN A 299 -21.47 0.05 16.74
N LEU A 300 -21.04 0.85 15.77
CA LEU A 300 -19.63 1.26 15.67
C LEU A 300 -19.39 2.68 16.17
N VAL A 301 -20.42 3.52 16.18
CA VAL A 301 -20.23 4.92 16.60
C VAL A 301 -19.69 5.03 18.01
N PRO A 302 -20.19 4.30 19.01
CA PRO A 302 -19.56 4.39 20.35
C PRO A 302 -18.10 3.99 20.36
N MET A 303 -17.72 3.02 19.53
CA MET A 303 -16.32 2.61 19.47
C MET A 303 -15.46 3.68 18.78
N ILE A 304 -16.02 4.39 17.81
CA ILE A 304 -15.31 5.51 17.20
C ILE A 304 -15.09 6.62 18.22
N ILE A 305 -16.11 6.90 19.03
CA ILE A 305 -16.01 7.99 20.00
C ILE A 305 -15.04 7.63 21.11
N HIS A 306 -15.00 6.35 21.51
CA HIS A 306 -14.07 5.93 22.56
C HIS A 306 -12.63 6.17 22.12
N LEU A 307 -12.30 5.80 20.87
CA LEU A 307 -10.98 6.11 20.34
C LEU A 307 -10.80 7.62 20.16
N LEU A 308 -11.88 8.34 19.88
CA LEU A 308 -11.80 9.80 19.84
C LEU A 308 -11.48 10.40 21.20
N ASP A 309 -11.77 9.68 22.28
CA ASP A 309 -11.53 10.15 23.64
C ASP A 309 -10.22 9.64 24.21
N LYS A 310 -9.94 8.34 24.09
CA LYS A 310 -8.77 7.73 24.72
C LYS A 310 -7.75 7.19 23.73
N GLY A 311 -7.96 7.37 22.42
CA GLY A 311 -7.03 6.86 21.44
C GLY A 311 -5.78 7.70 21.31
N ASP A 312 -4.93 7.31 20.37
CA ASP A 312 -3.69 8.02 20.10
C ASP A 312 -3.95 9.18 19.14
N PHE A 313 -2.92 10.02 18.98
CA PHE A 313 -3.06 11.22 18.14
C PHE A 313 -3.40 10.84 16.70
N GLY A 314 -2.66 9.88 16.14
CA GLY A 314 -2.94 9.45 14.78
C GLY A 314 -4.31 8.81 14.62
N THR A 315 -4.79 8.13 15.66
CA THR A 315 -6.13 7.56 15.62
C THR A 315 -7.19 8.63 15.87
N GLN A 316 -6.90 9.60 16.73
CA GLN A 316 -7.86 10.67 16.98
C GLN A 316 -8.00 11.59 15.77
N LYS A 317 -6.91 11.80 15.03
CA LYS A 317 -6.99 12.64 13.83
C LYS A 317 -7.96 12.07 12.82
N GLU A 318 -7.85 10.77 12.55
CA GLU A 318 -8.79 10.11 11.65
C GLU A 318 -10.16 9.94 12.28
N ALA A 319 -10.24 9.93 13.62
CA ALA A 319 -11.53 9.81 14.29
C ALA A 319 -12.29 11.13 14.26
N ALA A 320 -11.58 12.25 14.48
CA ALA A 320 -12.22 13.56 14.34
C ALA A 320 -12.70 13.78 12.92
N TRP A 321 -11.95 13.28 11.94
CA TRP A 321 -12.42 13.29 10.56
C TRP A 321 -13.68 12.46 10.41
N ALA A 322 -13.76 11.32 11.11
CA ALA A 322 -14.90 10.44 10.99
C ALA A 322 -16.17 11.10 11.54
N ILE A 323 -16.04 11.85 12.63
CA ILE A 323 -17.19 12.56 13.18
C ILE A 323 -17.55 13.77 12.32
N SER A 324 -16.60 14.28 11.54
CA SER A 324 -16.83 15.49 10.75
C SER A 324 -17.60 15.17 9.46
N ASN A 325 -17.07 14.26 8.64
CA ASN A 325 -17.73 13.93 7.38
C ASN A 325 -19.17 13.50 7.59
N LEU A 326 -19.47 12.88 8.73
CA LEU A 326 -20.85 12.52 9.04
C LEU A 326 -21.68 13.77 9.36
N THR A 327 -21.04 14.79 9.93
CA THR A 327 -21.77 15.97 10.38
C THR A 327 -22.35 16.77 9.21
N ILE A 328 -21.59 16.88 8.12
CA ILE A 328 -22.02 17.67 6.98
C ILE A 328 -22.75 16.85 5.93
N SER A 329 -23.00 15.57 6.21
CA SER A 329 -23.64 14.69 5.24
C SER A 329 -24.95 14.08 5.72
N GLY A 330 -25.02 13.63 6.97
CA GLY A 330 -26.17 12.90 7.45
C GLY A 330 -27.36 13.80 7.76
N ARG A 331 -28.44 13.14 8.18
CA ARG A 331 -29.68 13.83 8.53
C ARG A 331 -29.54 14.49 9.90
N LYS A 332 -30.65 14.97 10.45
CA LYS A 332 -30.64 15.61 11.76
C LYS A 332 -30.65 14.59 12.89
N ASP A 333 -31.42 13.50 12.74
CA ASP A 333 -31.46 12.48 13.78
C ASP A 333 -30.15 11.71 13.88
N GLN A 334 -29.41 11.62 12.78
CA GLN A 334 -28.12 10.94 12.81
C GLN A 334 -27.08 11.77 13.55
N VAL A 335 -27.11 13.09 13.36
CA VAL A 335 -26.25 13.96 14.17
C VAL A 335 -26.76 14.03 15.60
N ALA A 336 -28.09 14.00 15.78
CA ALA A 336 -28.65 13.95 17.11
C ALA A 336 -28.27 12.65 17.82
N TYR A 337 -28.25 11.53 17.08
CA TYR A 337 -27.79 10.28 17.65
C TYR A 337 -26.35 10.39 18.13
N LEU A 338 -25.52 11.15 17.42
CA LEU A 338 -24.15 11.37 17.86
C LEU A 338 -24.12 12.07 19.21
N ILE A 339 -24.95 13.09 19.38
CA ILE A 339 -24.89 13.92 20.59
C ILE A 339 -25.34 13.12 21.81
N GLN A 340 -26.44 12.37 21.67
CA GLN A 340 -26.89 11.54 22.79
C GLN A 340 -25.91 10.42 23.10
N GLN A 341 -25.01 10.08 22.17
CA GLN A 341 -23.91 9.17 22.45
C GLN A 341 -22.73 9.86 23.14
N ASN A 342 -22.96 11.07 23.66
CA ASN A 342 -21.96 11.82 24.42
C ASN A 342 -20.73 12.12 23.56
N VAL A 343 -20.98 12.58 22.33
CA VAL A 343 -19.88 12.93 21.43
C VAL A 343 -19.29 14.30 21.75
N ILE A 344 -20.00 15.12 22.52
CA ILE A 344 -19.62 16.51 22.75
C ILE A 344 -18.34 16.63 23.57
N PRO A 345 -18.18 15.95 24.71
CA PRO A 345 -16.96 16.15 25.52
C PRO A 345 -15.69 15.85 24.75
N PRO A 346 -15.50 14.65 24.19
CA PRO A 346 -14.17 14.36 23.60
C PRO A 346 -13.92 15.09 22.30
N PHE A 347 -14.97 15.44 21.55
CA PHE A 347 -14.78 16.06 20.25
C PHE A 347 -14.13 17.44 20.36
N CYS A 348 -14.44 18.18 21.43
CA CYS A 348 -13.86 19.50 21.64
C CYS A 348 -12.51 19.46 22.33
N ASN A 349 -12.12 18.34 22.94
CA ASN A 349 -10.85 18.21 23.62
C ASN A 349 -9.69 17.99 22.65
N LEU A 350 -9.84 18.33 21.37
CA LEU A 350 -8.79 18.17 20.38
C LEU A 350 -8.39 19.49 19.74
N LEU A 351 -8.86 20.62 20.26
CA LEU A 351 -8.48 21.91 19.72
C LEU A 351 -7.08 22.33 20.16
N THR A 352 -6.62 21.82 21.31
CA THR A 352 -5.31 22.17 21.83
C THR A 352 -4.17 21.52 21.08
N VAL A 353 -4.44 20.73 20.05
CA VAL A 353 -3.38 20.12 19.26
C VAL A 353 -2.84 21.13 18.26
N LYS A 354 -1.59 20.95 17.87
CA LYS A 354 -0.93 21.85 16.94
C LYS A 354 -1.10 21.42 15.49
N ASP A 355 -1.97 20.45 15.22
CA ASP A 355 -2.30 20.05 13.86
C ASP A 355 -3.48 20.89 13.40
N ALA A 356 -3.20 21.89 12.56
CA ALA A 356 -4.25 22.83 12.14
C ALA A 356 -5.36 22.12 11.38
N GLN A 357 -5.03 21.05 10.65
CA GLN A 357 -6.05 20.30 9.92
C GLN A 357 -7.13 19.79 10.87
N VAL A 358 -6.72 19.17 11.97
CA VAL A 358 -7.68 18.66 12.95
C VAL A 358 -8.51 19.78 13.54
N VAL A 359 -7.86 20.91 13.86
CA VAL A 359 -8.56 22.04 14.45
C VAL A 359 -9.64 22.55 13.49
N GLN A 360 -9.30 22.68 12.21
CA GLN A 360 -10.30 23.06 11.22
C GLN A 360 -11.43 22.03 11.15
N VAL A 361 -11.07 20.74 11.23
CA VAL A 361 -12.06 19.67 11.08
C VAL A 361 -13.10 19.74 12.18
N VAL A 362 -12.66 19.79 13.43
CA VAL A 362 -13.59 19.77 14.56
C VAL A 362 -14.49 21.01 14.52
N LEU A 363 -13.89 22.19 14.33
CA LEU A 363 -14.67 23.42 14.37
C LEU A 363 -15.69 23.47 13.24
N ASP A 364 -15.30 23.03 12.04
CA ASP A 364 -16.27 22.90 10.96
C ASP A 364 -17.36 21.91 11.33
N GLY A 365 -16.97 20.76 11.88
CA GLY A 365 -17.96 19.84 12.43
C GLY A 365 -18.73 20.46 13.59
N LEU A 366 -18.04 21.22 14.44
CA LEU A 366 -18.73 21.97 15.49
C LEU A 366 -19.66 23.01 14.89
N SER A 367 -19.30 23.57 13.74
CA SER A 367 -20.17 24.54 13.07
C SER A 367 -21.42 23.87 12.52
N ASN A 368 -21.25 22.76 11.81
CA ASN A 368 -22.39 22.14 11.14
C ASN A 368 -23.34 21.46 12.15
N ILE A 369 -22.83 21.05 13.31
CA ILE A 369 -23.71 20.51 14.34
C ILE A 369 -24.71 21.55 14.80
N LEU A 370 -24.21 22.72 15.22
CA LEU A 370 -25.08 23.78 15.70
C LEU A 370 -26.00 24.33 14.61
N LYS A 371 -25.60 24.20 13.35
CA LYS A 371 -26.42 24.68 12.24
C LYS A 371 -27.53 23.70 11.86
N MET A 372 -27.49 22.47 12.39
CA MET A 372 -28.48 21.45 12.06
C MET A 372 -29.57 21.34 13.12
N ALA A 373 -29.19 21.28 14.39
CA ALA A 373 -30.16 21.27 15.49
C ALA A 373 -30.64 22.70 15.68
N GLU A 374 -31.68 23.06 14.93
CA GLU A 374 -32.15 24.44 14.91
C GLU A 374 -32.76 24.85 16.24
N ASP A 375 -33.59 23.99 16.83
CA ASP A 375 -34.25 24.33 18.08
C ASP A 375 -33.34 24.08 19.28
N GLU A 376 -32.53 23.03 19.24
CA GLU A 376 -31.72 22.62 20.38
C GLU A 376 -30.42 23.42 20.47
N ALA A 377 -30.42 24.65 19.98
CA ALA A 377 -29.22 25.47 20.04
C ALA A 377 -28.81 25.75 21.49
N GLU A 378 -29.76 26.23 22.29
CA GLU A 378 -29.47 26.48 23.71
C GLU A 378 -29.19 25.18 24.45
N THR A 379 -29.84 24.08 24.05
CA THR A 379 -29.61 22.80 24.71
C THR A 379 -28.20 22.31 24.48
N ILE A 380 -27.78 22.22 23.21
CA ILE A 380 -26.44 21.73 22.89
C ILE A 380 -25.39 22.73 23.37
N GLY A 381 -25.69 24.03 23.29
CA GLY A 381 -24.73 25.02 23.75
C GLY A 381 -24.36 24.87 25.21
N ASN A 382 -25.34 24.50 26.04
CA ASN A 382 -25.05 24.22 27.45
C ASN A 382 -24.10 23.04 27.59
N LEU A 383 -24.25 22.03 26.72
CA LEU A 383 -23.37 20.87 26.77
C LEU A 383 -21.93 21.26 26.45
N ILE A 384 -21.75 22.10 25.42
CA ILE A 384 -20.40 22.52 25.05
C ILE A 384 -19.81 23.43 26.12
N GLU A 385 -20.65 24.26 26.75
CA GLU A 385 -20.16 25.17 27.78
C GLU A 385 -19.84 24.42 29.07
N GLU A 386 -20.66 23.42 29.41
CA GLU A 386 -20.43 22.69 30.65
C GLU A 386 -19.23 21.76 30.54
N CYS A 387 -19.06 21.11 29.39
CA CYS A 387 -17.93 20.19 29.20
C CYS A 387 -16.60 20.91 29.06
N GLY A 388 -16.58 22.24 29.07
CA GLY A 388 -15.35 22.98 28.95
C GLY A 388 -14.91 23.30 27.54
N GLY A 389 -15.84 23.26 26.58
CA GLY A 389 -15.48 23.54 25.20
C GLY A 389 -15.54 25.01 24.84
N LEU A 390 -16.55 25.72 25.37
CA LEU A 390 -16.72 27.13 25.04
C LEU A 390 -15.51 27.94 25.46
N GLU A 391 -14.96 27.68 26.64
CA GLU A 391 -13.72 28.33 27.05
C GLU A 391 -12.61 28.09 26.03
N LYS A 392 -12.50 26.85 25.54
CA LYS A 392 -11.55 26.57 24.48
C LYS A 392 -11.99 27.15 23.16
N ILE A 393 -13.31 27.32 22.96
CA ILE A 393 -13.81 27.98 21.76
C ILE A 393 -13.49 29.47 21.81
N GLU A 394 -13.65 30.09 22.99
CA GLU A 394 -13.36 31.52 23.14
C GLU A 394 -11.91 31.81 22.80
N GLN A 395 -10.98 31.05 23.37
CA GLN A 395 -9.55 31.30 23.20
C GLN A 395 -9.02 30.87 21.85
N LEU A 396 -9.85 30.28 20.99
CA LEU A 396 -9.44 29.94 19.63
C LEU A 396 -9.53 31.13 18.68
N GLN A 397 -9.87 32.32 19.18
CA GLN A 397 -9.90 33.52 18.36
C GLN A 397 -8.55 34.24 18.41
N ASN A 398 -7.53 33.53 17.89
CA ASN A 398 -6.19 34.06 17.77
C ASN A 398 -5.76 34.06 16.32
N HIS A 399 -4.87 35.00 15.97
CA HIS A 399 -4.52 35.26 14.58
C HIS A 399 -3.54 34.25 13.99
N GLU A 400 -3.15 33.21 14.74
CA GLU A 400 -2.18 32.27 14.21
C GLU A 400 -2.72 31.45 13.04
N ASN A 401 -4.00 31.58 12.72
CA ASN A 401 -4.58 30.99 11.53
C ASN A 401 -5.94 31.63 11.25
N GLU A 402 -6.00 32.47 10.21
CA GLU A 402 -7.24 33.19 9.91
C GLU A 402 -8.39 32.24 9.59
N ASP A 403 -8.10 31.10 8.96
CA ASP A 403 -9.15 30.14 8.66
C ASP A 403 -9.82 29.62 9.94
N ILE A 404 -9.06 29.54 11.03
CA ILE A 404 -9.63 29.14 12.32
C ILE A 404 -10.27 30.35 13.01
N TYR A 405 -9.62 31.50 12.93
CA TYR A 405 -10.13 32.71 13.58
C TYR A 405 -11.52 33.06 13.06
N LYS A 406 -11.68 33.06 11.73
CA LYS A 406 -12.97 33.37 11.13
C LYS A 406 -14.05 32.41 11.58
N LEU A 407 -13.71 31.12 11.71
CA LEU A 407 -14.69 30.12 12.12
C LEU A 407 -15.04 30.27 13.59
N ALA A 408 -14.04 30.36 14.46
CA ALA A 408 -14.28 30.44 15.89
C ALA A 408 -15.00 31.72 16.31
N TYR A 409 -15.14 32.69 15.41
CA TYR A 409 -15.87 33.92 15.71
C TYR A 409 -17.34 33.80 15.29
N GLU A 410 -17.60 33.29 14.09
CA GLU A 410 -18.97 33.13 13.63
C GLU A 410 -19.73 32.14 14.51
N ILE A 411 -19.08 31.05 14.90
CA ILE A 411 -19.70 30.11 15.83
C ILE A 411 -20.10 30.81 17.11
N ILE A 412 -19.24 31.69 17.62
CA ILE A 412 -19.55 32.44 18.83
C ILE A 412 -20.64 33.47 18.55
N ASP A 413 -20.57 34.13 17.39
CA ASP A 413 -21.49 35.23 17.09
C ASP A 413 -22.92 34.76 16.84
N GLN A 414 -23.11 33.48 16.51
CA GLN A 414 -24.46 32.98 16.23
C GLN A 414 -25.07 32.21 17.39
N PHE A 415 -24.27 31.49 18.17
CA PHE A 415 -24.81 30.65 19.25
C PHE A 415 -24.27 30.99 20.63
N PHE A 416 -23.17 31.73 20.73
CA PHE A 416 -22.59 32.04 22.04
C PHE A 416 -22.53 33.55 22.28
N ASN B 16 3.60 -3.32 10.68
CA ASN B 16 4.36 -2.66 9.62
C ASN B 16 5.30 -3.63 8.91
N TYR B 17 4.97 -3.97 7.67
CA TYR B 17 5.77 -4.90 6.88
C TYR B 17 5.51 -4.71 5.40
N CYS B 18 5.72 -3.50 4.89
CA CYS B 18 5.51 -3.24 3.48
C CYS B 18 6.48 -4.08 2.65
N PRO B 19 6.04 -4.65 1.52
CA PRO B 19 6.93 -5.51 0.75
C PRO B 19 8.09 -4.72 0.17
N PRO B 20 9.26 -5.34 0.04
CA PRO B 20 10.44 -4.59 -0.37
C PRO B 20 10.39 -4.22 -1.85
N VAL B 21 11.05 -3.10 -2.16
CA VAL B 21 11.13 -2.65 -3.56
C VAL B 21 12.14 -3.49 -4.33
N LYS B 22 13.37 -3.55 -3.83
CA LYS B 22 14.42 -4.36 -4.43
C LYS B 22 14.87 -5.44 -3.46
N ARG B 23 15.45 -6.50 -4.00
CA ARG B 23 15.83 -7.67 -3.22
C ARG B 23 17.16 -8.22 -3.70
N GLU B 24 18.03 -8.59 -2.75
CA GLU B 24 19.20 -9.39 -3.06
C GLU B 24 18.89 -10.87 -2.83
N ARG B 25 19.59 -11.73 -3.56
CA ARG B 25 19.57 -13.16 -3.32
C ARG B 25 20.86 -13.52 -2.58
N THR B 26 20.74 -13.83 -1.30
CA THR B 26 21.91 -14.18 -0.50
C THR B 26 22.31 -15.63 -0.72
N SER B 27 23.61 -15.89 -0.67
CA SER B 27 24.16 -17.23 -0.68
C SER B 27 24.58 -17.62 0.73
N SER B 28 24.90 -18.90 0.91
CA SER B 28 25.32 -19.39 2.23
C SER B 28 26.82 -19.67 2.26
N LEU B 29 27.35 -20.69 1.58
CA LEU B 29 26.71 -21.58 0.61
C LEU B 29 26.44 -22.94 1.26
#